data_3BH6
#
_entry.id   3BH6
#
_cell.length_a   73.860
_cell.length_b   78.490
_cell.length_c   98.380
_cell.angle_alpha   90.00
_cell.angle_beta   90.00
_cell.angle_gamma   90.00
#
_symmetry.space_group_name_H-M   'P 21 21 21'
#
loop_
_entity.id
_entity.type
_entity.pdbx_description
1 polymer 'ADP-ribosylation factor-like protein 3'
2 polymer 'Protein XRP2'
3 non-polymer 'MAGNESIUM ION'
4 non-polymer 'PHOSPHOAMINOPHOSPHONIC ACID-GUANYLATE ESTER'
5 water water
#
loop_
_entity_poly.entity_id
_entity_poly.type
_entity_poly.pdbx_seq_one_letter_code
_entity_poly.pdbx_strand_id
1 'polypeptide(L)'
;GGSEVRILLLGLDNAGKTTLLKQLASEDISHITPTQGFNIKSVQSQGFKLNVWDIGGLRKIRPYWRSYFENTDILIYVID
SADRKRFEETGQELTELLEEEKLSCVPVLIFANKQDLLTAAPASEIAEGLNLHTIRDRVWQIQSCSALTGEGVQDGMNWV
CKNV
;
A
2 'polypeptide(L)'
;GSMGCFFSKRRKADKESRPENEEERPKQYSWDQREKVDPKDYMFSGLKDETVGRLPGTVAGQQFLIQDCENCNIYIFDHS
ATVTIDDCTNCIIFLGPVKGSVFFRNCRDCKCTLACQQFRVRDCRKLEVFLCCATQPIIESSSNIKFGCFQWYYPELAFQ
FKDAGLSIFNNTWSNIHDFTPVSGELNWSLLPEDAVVQDYVPIPTTEELKAVRVSTEANRSIVPISRGQRQKSSDESCLV
VLFAGDYTIANARKLIDEMVGKGFFLVQTKEVSMKAEDAQRVFREKAPDFLPLLNKGPVIALEFNGDGAVEVCQLIVNEI
FNGTKMFVSESKETASGDVDSFYNFADIQMGI
;
B
#
# COMPACT_ATOMS: atom_id res chain seq x y z
N GLU A 4 -25.50 -9.72 21.58
CA GLU A 4 -24.65 -9.59 20.36
C GLU A 4 -24.52 -8.12 19.91
N VAL A 5 -23.29 -7.60 19.89
CA VAL A 5 -23.02 -6.14 19.80
C VAL A 5 -22.69 -5.61 18.38
N ARG A 6 -23.32 -4.51 18.00
CA ARG A 6 -23.15 -3.90 16.67
C ARG A 6 -22.20 -2.70 16.70
N ILE A 7 -21.01 -2.87 16.13
CA ILE A 7 -20.02 -1.80 16.10
C ILE A 7 -19.83 -1.16 14.73
N LEU A 8 -19.86 0.17 14.71
CA LEU A 8 -19.62 0.93 13.51
C LEU A 8 -18.22 1.54 13.59
N LEU A 9 -17.41 1.26 12.57
CA LEU A 9 -16.05 1.76 12.50
C LEU A 9 -15.98 2.82 11.43
N LEU A 10 -15.86 4.07 11.86
CA LEU A 10 -15.83 5.21 10.94
C LEU A 10 -14.59 6.06 11.20
N GLY A 11 -14.46 7.13 10.42
CA GLY A 11 -13.28 7.98 10.47
C GLY A 11 -12.77 8.18 9.06
N LEU A 12 -11.94 9.19 8.87
CA LEU A 12 -11.48 9.58 7.55
C LEU A 12 -10.69 8.49 6.88
N ASP A 13 -10.75 8.44 5.56
CA ASP A 13 -9.87 7.59 4.80
C ASP A 13 -8.45 7.68 5.33
N ASN A 14 -7.75 6.55 5.41
CA ASN A 14 -6.35 6.53 5.80
C ASN A 14 -6.09 6.65 7.31
N ALA A 15 -7.14 6.70 8.12
CA ALA A 15 -7.00 6.90 9.55
C ALA A 15 -6.53 5.60 10.21
N GLY A 16 -6.84 4.48 9.55
CA GLY A 16 -6.43 3.17 10.04
C GLY A 16 -7.56 2.24 10.46
N LYS A 17 -8.77 2.44 9.94
CA LYS A 17 -9.94 1.66 10.35
C LYS A 17 -9.78 0.15 10.11
N THR A 18 -9.43 -0.22 8.89
CA THR A 18 -9.24 -1.62 8.51
C THR A 18 -8.05 -2.26 9.22
N THR A 19 -6.96 -1.52 9.39
CA THR A 19 -5.78 -2.01 10.12
C THR A 19 -6.17 -2.35 11.55
N LEU A 20 -7.00 -1.50 12.13
CA LEU A 20 -7.59 -1.75 13.42
C LEU A 20 -8.49 -3.00 13.41
N LEU A 21 -9.35 -3.11 12.41
CA LEU A 21 -10.24 -4.25 12.28
C LEU A 21 -9.48 -5.57 12.23
N LYS A 22 -8.36 -5.59 11.49
CA LYS A 22 -7.62 -6.83 11.32
C LYS A 22 -6.76 -7.16 12.53
N GLN A 23 -6.29 -6.14 13.26
CA GLN A 23 -5.65 -6.35 14.55
C GLN A 23 -6.61 -6.99 15.56
N LEU A 24 -7.85 -6.56 15.59
CA LEU A 24 -8.84 -7.13 16.51
C LEU A 24 -9.11 -8.60 16.23
N ALA A 25 -9.16 -8.94 14.94
CA ALA A 25 -9.32 -10.31 14.49
C ALA A 25 -7.97 -11.03 14.47
N SER A 26 -6.92 -10.33 14.94
CA SER A 26 -5.54 -10.83 14.93
C SER A 26 -5.11 -11.45 13.60
N GLU A 27 -4.95 -10.63 12.57
CA GLU A 27 -4.58 -11.10 11.23
C GLU A 27 -3.51 -10.19 10.57
N ASP A 28 -3.02 -10.62 9.41
CA ASP A 28 -1.95 -9.89 8.70
C ASP A 28 -2.42 -8.49 8.33
N ILE A 29 -1.58 -7.49 8.58
CA ILE A 29 -1.93 -6.09 8.33
C ILE A 29 -1.18 -5.39 7.20
N SER A 30 -0.25 -6.09 6.57
CA SER A 30 0.62 -5.48 5.57
C SER A 30 0.08 -5.45 4.11
N HIS A 31 -1.10 -6.01 3.88
CA HIS A 31 -1.67 -6.02 2.53
C HIS A 31 -3.03 -5.37 2.50
N ILE A 32 -3.27 -4.53 3.50
CA ILE A 32 -4.52 -3.81 3.60
C ILE A 32 -4.59 -2.74 2.52
N THR A 33 -5.62 -2.85 1.69
CA THR A 33 -5.88 -1.88 0.63
C THR A 33 -6.93 -0.83 1.08
N PRO A 34 -6.91 0.38 0.50
CA PRO A 34 -8.06 1.26 0.81
C PRO A 34 -9.37 0.57 0.48
N THR A 35 -10.38 0.86 1.31
CA THR A 35 -11.65 0.17 1.25
C THR A 35 -12.63 0.82 0.28
N GLN A 36 -13.06 0.05 -0.71
CA GLN A 36 -14.23 0.39 -1.48
C GLN A 36 -15.28 -0.49 -0.87
N GLY A 37 -16.46 0.07 -0.59
CA GLY A 37 -17.49 -0.67 0.09
C GLY A 37 -17.23 -0.69 1.58
N PHE A 38 -17.07 -1.88 2.11
CA PHE A 38 -17.01 -2.06 3.55
C PHE A 38 -16.62 -3.50 3.88
N ASN A 39 -16.23 -3.74 5.13
CA ASN A 39 -15.84 -5.06 5.63
C ASN A 39 -16.56 -5.38 6.94
N ILE A 40 -16.94 -6.64 7.11
CA ILE A 40 -17.55 -7.14 8.35
C ILE A 40 -16.68 -8.18 9.05
N LYS A 41 -16.59 -8.08 10.38
CA LYS A 41 -15.89 -9.08 11.16
C LYS A 41 -16.47 -9.23 12.56
N SER A 42 -16.64 -10.49 12.97
CA SER A 42 -16.98 -10.86 14.35
C SER A 42 -15.71 -11.06 15.16
N VAL A 43 -15.72 -10.55 16.38
CA VAL A 43 -14.59 -10.54 17.27
C VAL A 43 -15.13 -10.81 18.66
N GLN A 44 -14.54 -11.75 19.37
CA GLN A 44 -14.86 -11.93 20.77
C GLN A 44 -14.01 -11.10 21.68
N SER A 45 -14.61 -10.33 22.56
CA SER A 45 -13.86 -9.68 23.59
C SER A 45 -14.58 -9.67 24.89
N GLN A 46 -13.97 -10.15 25.96
CA GLN A 46 -14.49 -9.97 27.29
C GLN A 46 -15.73 -10.78 27.56
N GLY A 47 -16.07 -11.62 26.62
CA GLY A 47 -17.32 -12.35 26.68
C GLY A 47 -18.42 -11.89 25.75
N PHE A 48 -18.11 -10.95 24.87
CA PHE A 48 -19.06 -10.39 23.91
C PHE A 48 -18.70 -10.81 22.49
N LYS A 49 -19.73 -11.08 21.69
CA LYS A 49 -19.59 -11.27 20.24
C LYS A 49 -19.80 -9.93 19.50
N LEU A 50 -18.70 -9.33 19.06
CA LEU A 50 -18.73 -8.00 18.45
C LEU A 50 -18.75 -8.10 16.91
N ASN A 51 -19.83 -7.60 16.28
CA ASN A 51 -19.88 -7.42 14.83
C ASN A 51 -19.46 -5.99 14.45
N VAL A 52 -18.22 -5.86 13.99
CA VAL A 52 -17.67 -4.58 13.57
C VAL A 52 -17.90 -4.34 12.06
N TRP A 53 -18.46 -3.19 11.74
CA TRP A 53 -18.62 -2.78 10.35
C TRP A 53 -17.55 -1.73 10.02
N ASP A 54 -16.66 -2.11 9.12
CA ASP A 54 -15.53 -1.30 8.75
C ASP A 54 -15.91 -0.65 7.44
N ILE A 55 -16.17 0.65 7.48
CA ILE A 55 -16.69 1.31 6.30
C ILE A 55 -15.64 2.20 5.62
N GLY A 56 -15.65 2.19 4.30
CA GLY A 56 -14.81 3.07 3.51
C GLY A 56 -14.98 4.51 3.98
N GLY A 57 -13.89 5.25 4.05
CA GLY A 57 -13.95 6.56 4.65
C GLY A 57 -13.51 7.71 3.78
N LEU A 58 -13.28 7.46 2.50
CA LEU A 58 -12.86 8.60 1.71
C LEU A 58 -14.02 9.56 1.40
N ARG A 59 -13.66 10.82 1.15
CA ARG A 59 -14.63 11.91 1.01
C ARG A 59 -15.77 11.53 0.07
N LYS A 60 -15.42 10.94 -1.08
CA LYS A 60 -16.41 10.59 -2.09
C LYS A 60 -17.49 9.59 -1.63
N ILE A 61 -17.17 8.72 -0.68
CA ILE A 61 -18.12 7.67 -0.30
C ILE A 61 -18.76 7.84 1.09
N ARG A 62 -18.33 8.87 1.83
CA ARG A 62 -18.97 9.25 3.12
C ARG A 62 -20.50 9.36 3.06
N PRO A 63 -21.07 9.80 1.91
CA PRO A 63 -22.54 9.78 1.85
C PRO A 63 -23.18 8.41 2.04
N TYR A 64 -22.38 7.34 2.04
CA TYR A 64 -22.91 6.00 2.30
C TYR A 64 -22.93 5.65 3.78
N TRP A 65 -22.21 6.43 4.58
CA TRP A 65 -22.15 6.20 6.02
C TRP A 65 -23.54 6.02 6.61
N ARG A 66 -24.42 7.00 6.33
CA ARG A 66 -25.84 6.99 6.74
C ARG A 66 -26.53 5.63 6.64
N SER A 67 -26.32 4.94 5.53
CA SER A 67 -27.00 3.69 5.28
C SER A 67 -26.59 2.57 6.26
N TYR A 68 -25.58 2.85 7.08
CA TYR A 68 -25.15 1.91 8.13
C TYR A 68 -25.56 2.28 9.55
N PHE A 69 -26.01 3.50 9.80
CA PHE A 69 -26.25 3.92 11.20
C PHE A 69 -27.21 2.99 11.94
N GLU A 70 -28.05 2.29 11.18
CA GLU A 70 -29.19 1.52 11.70
C GLU A 70 -28.81 0.45 12.72
N ASN A 71 -29.34 0.56 13.94
CA ASN A 71 -29.07 -0.40 15.01
C ASN A 71 -27.64 -0.49 15.52
N THR A 72 -26.88 0.60 15.34
CA THR A 72 -25.54 0.66 15.83
C THR A 72 -25.58 0.81 17.33
N ASP A 73 -24.90 -0.11 18.00
CA ASP A 73 -24.75 -0.08 19.44
C ASP A 73 -23.59 0.83 19.83
N ILE A 74 -22.44 0.66 19.17
CA ILE A 74 -21.26 1.47 19.46
C ILE A 74 -20.63 2.10 18.22
N LEU A 75 -20.29 3.38 18.33
CA LEU A 75 -19.50 4.03 17.32
C LEU A 75 -18.04 4.07 17.75
N ILE A 76 -17.20 3.42 16.97
CA ILE A 76 -15.78 3.63 17.12
C ILE A 76 -15.36 4.54 16.00
N TYR A 77 -14.71 5.63 16.37
CA TYR A 77 -14.29 6.65 15.42
C TYR A 77 -12.78 6.87 15.47
N VAL A 78 -12.14 6.64 14.33
CA VAL A 78 -10.69 6.54 14.24
C VAL A 78 -10.12 7.79 13.63
N ILE A 79 -9.05 8.31 14.24
CA ILE A 79 -8.37 9.52 13.78
C ILE A 79 -6.89 9.24 13.52
N ASP A 80 -6.37 9.75 12.41
CA ASP A 80 -4.93 9.75 12.21
C ASP A 80 -4.33 10.86 13.09
N SER A 81 -3.82 10.48 14.26
CA SER A 81 -3.18 11.42 15.19
C SER A 81 -1.96 12.10 14.58
N ALA A 82 -1.33 11.43 13.63
CA ALA A 82 -0.13 11.94 12.99
C ALA A 82 -0.42 12.64 11.66
N ASP A 83 -1.63 13.14 11.49
CA ASP A 83 -1.97 13.95 10.30
C ASP A 83 -2.74 15.22 10.69
N ARG A 84 -2.03 16.12 11.35
CA ARG A 84 -2.62 17.36 11.86
C ARG A 84 -3.36 18.14 10.78
N LYS A 85 -2.86 18.04 9.55
CA LYS A 85 -3.45 18.75 8.42
C LYS A 85 -4.94 18.44 8.23
N ARG A 86 -5.38 17.26 8.66
CA ARG A 86 -6.76 16.87 8.45
C ARG A 86 -7.58 16.89 9.74
N PHE A 87 -6.98 17.37 10.83
CA PHE A 87 -7.69 17.53 12.10
C PHE A 87 -9.02 18.26 11.95
N GLU A 88 -9.03 19.30 11.12
CA GLU A 88 -10.24 20.08 10.90
C GLU A 88 -11.29 19.29 10.11
N GLU A 89 -10.85 18.53 9.11
CA GLU A 89 -11.76 17.72 8.30
C GLU A 89 -12.40 16.59 9.10
N THR A 90 -11.61 15.91 9.93
CA THR A 90 -12.16 14.88 10.79
C THR A 90 -12.98 15.49 11.91
N GLY A 91 -12.52 16.66 12.38
CA GLY A 91 -13.25 17.47 13.34
C GLY A 91 -14.67 17.64 12.88
N GLN A 92 -14.82 18.02 11.61
CA GLN A 92 -16.13 18.27 11.07
C GLN A 92 -17.01 17.03 10.82
N GLU A 93 -16.44 15.95 10.30
CA GLU A 93 -17.15 14.67 10.15
C GLU A 93 -17.67 14.10 11.47
N LEU A 94 -16.84 14.13 12.51
CA LEU A 94 -17.28 13.69 13.83
C LEU A 94 -18.46 14.51 14.34
N THR A 95 -18.37 15.84 14.23
CA THR A 95 -19.44 16.71 14.74
C THR A 95 -20.76 16.46 14.02
N GLU A 96 -20.69 16.10 12.73
CA GLU A 96 -21.90 15.79 11.98
C GLU A 96 -22.47 14.43 12.36
N LEU A 97 -21.61 13.48 12.69
CA LEU A 97 -22.08 12.19 13.15
C LEU A 97 -22.88 12.31 14.42
N LEU A 98 -22.36 13.08 15.36
CA LEU A 98 -22.98 13.12 16.69
C LEU A 98 -24.30 13.89 16.65
N GLU A 99 -24.48 14.64 15.57
CA GLU A 99 -25.76 15.29 15.29
C GLU A 99 -26.78 14.32 14.72
N GLU A 100 -26.30 13.26 14.09
CA GLU A 100 -27.17 12.26 13.46
C GLU A 100 -28.15 11.64 14.42
N GLU A 101 -29.43 11.74 14.06
CA GLU A 101 -30.54 11.28 14.88
C GLU A 101 -30.49 9.77 15.12
N LYS A 102 -30.17 9.03 14.06
CA LYS A 102 -30.10 7.57 14.12
C LYS A 102 -28.96 7.07 15.01
N LEU A 103 -28.00 7.94 15.32
CA LEU A 103 -26.89 7.62 16.21
C LEU A 103 -27.08 8.20 17.61
N SER A 104 -28.23 8.81 17.87
CA SER A 104 -28.52 9.40 19.16
C SER A 104 -28.31 8.40 20.29
N CYS A 105 -27.67 8.88 21.35
CA CYS A 105 -27.45 8.10 22.57
C CYS A 105 -26.38 7.06 22.44
N VAL A 106 -25.85 6.88 21.23
CA VAL A 106 -24.90 5.78 20.99
C VAL A 106 -23.55 6.14 21.59
N PRO A 107 -23.02 5.28 22.47
CA PRO A 107 -21.67 5.51 23.01
C PRO A 107 -20.63 5.61 21.89
N VAL A 108 -19.77 6.63 21.96
CA VAL A 108 -18.71 6.77 20.98
C VAL A 108 -17.33 6.66 21.64
N LEU A 109 -16.49 5.82 21.05
CA LEU A 109 -15.09 5.75 21.42
C LEU A 109 -14.28 6.37 20.31
N ILE A 110 -13.43 7.33 20.67
CA ILE A 110 -12.49 7.91 19.71
C ILE A 110 -11.13 7.25 19.89
N PHE A 111 -10.56 6.78 18.78
CA PHE A 111 -9.19 6.26 18.77
C PHE A 111 -8.23 7.29 18.22
N ALA A 112 -7.36 7.78 19.09
CA ALA A 112 -6.26 8.62 18.63
C ALA A 112 -5.20 7.65 18.12
N ASN A 113 -5.27 7.35 16.83
CA ASN A 113 -4.46 6.26 16.26
C ASN A 113 -3.12 6.72 15.74
N LYS A 114 -2.19 5.77 15.61
CA LYS A 114 -0.84 6.02 15.08
C LYS A 114 0.05 6.77 16.08
N GLN A 115 0.00 6.40 17.34
CA GLN A 115 0.78 7.08 18.33
C GLN A 115 2.20 6.62 18.32
N ASP A 116 2.42 5.54 17.60
CA ASP A 116 3.74 5.03 17.29
C ASP A 116 4.58 6.02 16.46
N LEU A 117 3.94 7.07 15.98
CA LEU A 117 4.53 8.02 15.09
C LEU A 117 4.96 9.31 15.77
N LEU A 118 5.70 10.12 15.06
CA LEU A 118 6.49 11.12 15.71
C LEU A 118 5.74 12.41 15.83
N THR A 119 5.25 12.88 14.70
CA THR A 119 4.34 13.98 14.65
C THR A 119 3.06 13.70 15.36
N ALA A 120 2.99 12.62 16.09
CA ALA A 120 1.71 12.20 16.59
C ALA A 120 1.26 13.03 17.74
N ALA A 121 0.17 13.72 17.54
CA ALA A 121 -0.40 14.56 18.55
C ALA A 121 -1.11 13.76 19.58
N PRO A 122 -0.81 14.02 20.84
CA PRO A 122 -1.32 13.22 21.96
C PRO A 122 -2.83 13.33 22.11
N ALA A 123 -3.43 12.33 22.75
CA ALA A 123 -4.87 12.32 23.04
C ALA A 123 -5.32 13.60 23.74
N SER A 124 -4.47 14.12 24.61
CA SER A 124 -4.69 15.42 25.26
C SER A 124 -5.12 16.53 24.28
N GLU A 125 -4.26 16.80 23.30
CA GLU A 125 -4.42 17.92 22.36
C GLU A 125 -5.61 17.75 21.41
N ILE A 126 -5.78 16.53 20.89
CA ILE A 126 -6.86 16.22 19.96
C ILE A 126 -8.23 16.37 20.63
N ALA A 127 -8.32 15.83 21.85
CA ALA A 127 -9.57 15.80 22.61
C ALA A 127 -10.24 17.16 22.67
N GLU A 128 -9.56 18.11 23.31
CA GLU A 128 -10.09 19.44 23.44
C GLU A 128 -9.90 20.27 22.15
N GLY A 129 -9.02 19.81 21.25
CA GLY A 129 -8.95 20.37 19.90
C GLY A 129 -10.28 20.20 19.16
N LEU A 130 -11.01 19.19 19.52
CA LEU A 130 -12.32 18.96 19.01
C LEU A 130 -13.28 19.18 20.12
N ASN A 131 -12.84 19.89 21.13
CA ASN A 131 -13.72 20.26 22.19
C ASN A 131 -14.70 19.15 22.55
N LEU A 132 -14.18 17.96 22.73
CA LEU A 132 -14.99 16.81 23.01
C LEU A 132 -15.68 16.90 24.32
N HIS A 133 -15.19 17.74 25.18
CA HIS A 133 -15.70 17.88 26.55
C HIS A 133 -17.06 18.55 26.53
N THR A 134 -17.49 18.97 25.35
CA THR A 134 -18.79 19.58 25.17
C THR A 134 -19.80 18.60 24.58
N ILE A 135 -19.45 17.31 24.60
CA ILE A 135 -20.38 16.25 24.29
C ILE A 135 -21.11 15.89 25.58
N ARG A 136 -22.42 16.09 25.61
CA ARG A 136 -23.27 15.67 26.76
C ARG A 136 -24.49 14.86 26.31
N ASP A 137 -24.52 14.52 25.03
CA ASP A 137 -25.62 13.73 24.45
C ASP A 137 -25.51 12.24 24.80
N ARG A 138 -24.34 11.83 25.26
CA ARG A 138 -23.93 10.42 25.25
C ARG A 138 -22.60 10.22 25.99
N VAL A 139 -22.27 8.96 26.27
CA VAL A 139 -20.99 8.58 26.85
C VAL A 139 -19.88 8.51 25.78
N TRP A 140 -18.68 8.95 26.13
CA TRP A 140 -17.59 9.03 25.17
C TRP A 140 -16.24 8.87 25.83
N GLN A 141 -15.25 8.47 25.04
CA GLN A 141 -13.89 8.27 25.54
C GLN A 141 -12.89 8.39 24.41
N ILE A 142 -11.71 8.91 24.75
CA ILE A 142 -10.59 8.96 23.81
C ILE A 142 -9.51 7.95 24.27
N GLN A 143 -9.09 7.07 23.35
CA GLN A 143 -8.03 6.09 23.61
C GLN A 143 -6.86 6.28 22.65
N SER A 144 -5.71 6.72 23.17
CA SER A 144 -4.49 6.65 22.39
C SER A 144 -4.17 5.21 22.03
N CYS A 145 -3.87 4.97 20.76
CA CYS A 145 -3.52 3.63 20.33
C CYS A 145 -2.64 3.66 19.09
N SER A 146 -2.19 2.48 18.69
CA SER A 146 -1.49 2.28 17.43
C SER A 146 -2.06 1.02 16.81
N ALA A 147 -2.73 1.17 15.68
CA ALA A 147 -3.27 -0.01 15.03
C ALA A 147 -2.12 -0.81 14.39
N LEU A 148 -0.95 -0.20 14.25
CA LEU A 148 0.20 -0.90 13.68
C LEU A 148 0.66 -1.98 14.62
N THR A 149 1.06 -1.59 15.83
CA THR A 149 1.60 -2.53 16.82
C THR A 149 0.51 -3.19 17.65
N GLY A 150 -0.71 -2.65 17.63
CA GLY A 150 -1.82 -3.19 18.43
C GLY A 150 -1.89 -2.66 19.86
N GLU A 151 -0.92 -1.82 20.22
CA GLU A 151 -0.82 -1.26 21.56
C GLU A 151 -1.92 -0.24 21.82
N GLY A 152 -2.61 -0.39 22.95
CA GLY A 152 -3.62 0.58 23.34
C GLY A 152 -4.99 0.26 22.77
N VAL A 153 -5.03 -0.71 21.88
CA VAL A 153 -6.28 -1.12 21.25
C VAL A 153 -7.17 -1.79 22.27
N GLN A 154 -6.60 -2.77 22.96
CA GLN A 154 -7.35 -3.53 23.96
C GLN A 154 -8.03 -2.60 24.97
N ASP A 155 -7.30 -1.56 25.40
CA ASP A 155 -7.80 -0.56 26.34
C ASP A 155 -9.06 0.16 25.85
N GLY A 156 -9.15 0.35 24.54
CA GLY A 156 -10.31 0.97 23.91
C GLY A 156 -11.45 -0.01 23.95
N MET A 157 -11.15 -1.24 23.53
CA MET A 157 -12.16 -2.27 23.49
C MET A 157 -12.75 -2.60 24.86
N ASN A 158 -11.92 -2.57 25.90
CA ASN A 158 -12.37 -2.74 27.28
C ASN A 158 -13.43 -1.73 27.70
N TRP A 159 -13.24 -0.48 27.29
CA TRP A 159 -14.22 0.60 27.51
C TRP A 159 -15.51 0.35 26.72
N VAL A 160 -15.36 -0.21 25.51
CA VAL A 160 -16.49 -0.54 24.66
C VAL A 160 -17.37 -1.56 25.34
N CYS A 161 -16.75 -2.60 25.90
CA CYS A 161 -17.46 -3.65 26.65
C CYS A 161 -18.08 -3.10 27.93
N LYS A 162 -17.34 -2.25 28.63
CA LYS A 162 -17.82 -1.60 29.83
C LYS A 162 -19.15 -0.91 29.54
N ASN A 163 -19.27 -0.33 28.35
CA ASN A 163 -20.44 0.50 27.99
C ASN A 163 -21.45 -0.12 27.02
N VAL A 164 -21.37 -1.43 26.79
CA VAL A 164 -22.45 -2.14 26.13
C VAL A 164 -23.54 -2.40 27.14
N PRO B 39 10.76 16.88 17.53
CA PRO B 39 11.93 17.45 16.84
C PRO B 39 11.80 17.38 15.31
N LYS B 40 10.94 18.23 14.72
CA LYS B 40 10.56 18.09 13.30
C LYS B 40 11.52 18.67 12.25
N ASP B 41 12.75 18.16 12.20
CA ASP B 41 13.56 18.25 10.99
C ASP B 41 13.23 17.04 10.10
N TYR B 42 11.97 16.63 10.19
CA TYR B 42 11.41 15.56 9.36
C TYR B 42 10.32 16.13 8.44
N MET B 43 10.50 17.38 8.02
CA MET B 43 9.59 18.00 7.08
C MET B 43 10.28 18.95 6.10
N PHE B 44 9.72 19.07 4.90
CA PHE B 44 10.10 20.12 3.98
C PHE B 44 8.91 21.03 3.80
N SER B 45 9.06 22.28 4.24
CA SER B 45 7.95 23.20 4.35
C SER B 45 8.22 24.57 3.74
N GLY B 46 7.49 24.91 2.70
CA GLY B 46 7.49 26.25 2.13
C GLY B 46 8.75 26.65 1.37
N LEU B 47 9.36 25.66 0.72
CA LEU B 47 10.59 25.88 -0.04
C LEU B 47 10.27 26.22 -1.49
N LYS B 48 11.05 27.12 -2.08
CA LYS B 48 10.91 27.41 -3.53
C LYS B 48 12.25 27.36 -4.22
N ASP B 49 12.23 26.80 -5.43
CA ASP B 49 13.40 26.72 -6.32
C ASP B 49 14.61 25.98 -5.75
N GLU B 50 14.37 24.98 -4.90
CA GLU B 50 15.48 24.29 -4.23
C GLU B 50 15.60 22.81 -4.59
N THR B 51 16.77 22.25 -4.28
CA THR B 51 16.98 20.83 -4.34
C THR B 51 17.50 20.40 -2.99
N VAL B 52 16.67 19.63 -2.29
CA VAL B 52 16.97 19.15 -0.96
C VAL B 52 16.76 17.64 -0.93
N GLY B 53 17.15 17.01 0.17
CA GLY B 53 16.86 15.60 0.35
C GLY B 53 17.42 15.03 1.62
N ARG B 54 17.33 13.71 1.72
CA ARG B 54 17.74 12.99 2.93
C ARG B 54 18.67 11.82 2.59
N LEU B 55 19.76 11.70 3.28
CA LEU B 55 20.66 10.61 3.01
C LEU B 55 20.30 9.47 3.91
N PRO B 56 20.66 8.28 3.49
CA PRO B 56 20.46 7.08 4.26
C PRO B 56 20.73 7.23 5.74
N GLY B 57 19.79 6.81 6.55
CA GLY B 57 19.99 6.64 7.96
C GLY B 57 19.52 7.89 8.61
N THR B 58 19.08 8.81 7.80
CA THR B 58 18.76 10.14 8.33
C THR B 58 17.26 10.29 8.69
N VAL B 59 16.45 9.33 8.25
CA VAL B 59 15.03 9.28 8.60
C VAL B 59 14.76 8.02 9.39
N ALA B 60 15.38 6.92 8.98
CA ALA B 60 15.29 5.64 9.71
C ALA B 60 13.86 5.28 10.15
N GLY B 61 12.93 5.26 9.19
CA GLY B 61 11.59 4.73 9.41
C GLY B 61 10.58 5.65 10.07
N GLN B 62 10.93 6.93 10.20
CA GLN B 62 10.04 7.92 10.78
C GLN B 62 9.10 8.49 9.72
N GLN B 63 8.00 9.08 10.16
CA GLN B 63 7.09 9.80 9.28
C GLN B 63 7.87 10.91 8.59
N PHE B 64 7.49 11.24 7.36
CA PHE B 64 8.02 12.41 6.70
C PHE B 64 6.91 13.24 6.05
N LEU B 65 7.15 14.54 5.97
CA LEU B 65 6.10 15.50 5.63
C LEU B 65 6.63 16.50 4.62
N ILE B 66 5.94 16.58 3.49
CA ILE B 66 6.20 17.60 2.48
C ILE B 66 4.96 18.49 2.38
N GLN B 67 5.17 19.82 2.42
CA GLN B 67 4.09 20.77 2.21
C GLN B 67 4.57 22.12 1.68
N ASP B 68 3.79 22.67 0.75
CA ASP B 68 3.94 24.05 0.28
C ASP B 68 5.26 24.29 -0.44
N CYS B 69 5.64 23.34 -1.28
CA CYS B 69 6.88 23.44 -2.03
C CYS B 69 6.61 23.66 -3.50
N GLU B 70 7.32 24.62 -4.08
CA GLU B 70 7.20 24.92 -5.50
C GLU B 70 8.54 24.81 -6.22
N ASN B 71 8.52 24.33 -7.45
CA ASN B 71 9.73 24.11 -8.27
C ASN B 71 10.91 23.49 -7.50
N CYS B 72 10.59 22.57 -6.58
CA CYS B 72 11.63 21.89 -5.81
C CYS B 72 11.95 20.48 -6.33
N ASN B 73 13.19 20.04 -6.08
CA ASN B 73 13.60 18.66 -6.29
C ASN B 73 13.89 18.03 -4.93
N ILE B 74 13.07 17.05 -4.55
CA ILE B 74 13.15 16.47 -3.22
C ILE B 74 13.51 15.01 -3.36
N TYR B 75 14.57 14.59 -2.65
CA TYR B 75 15.06 13.22 -2.70
C TYR B 75 15.17 12.64 -1.30
N ILE B 76 14.30 11.69 -0.99
CA ILE B 76 14.34 11.02 0.31
C ILE B 76 14.90 9.60 0.19
N PHE B 77 16.22 9.48 0.29
CA PHE B 77 16.91 8.18 0.17
C PHE B 77 16.97 7.40 1.47
N ASP B 78 15.82 7.17 2.09
CA ASP B 78 15.74 6.38 3.32
C ASP B 78 14.32 5.84 3.48
N HIS B 79 14.12 4.89 4.38
CA HIS B 79 12.78 4.36 4.57
C HIS B 79 11.95 5.25 5.49
N SER B 80 10.65 5.31 5.20
CA SER B 80 9.69 6.15 5.90
C SER B 80 8.59 5.31 6.51
N ALA B 81 7.95 5.85 7.54
CA ALA B 81 6.74 5.29 8.11
C ALA B 81 5.56 5.61 7.20
N THR B 82 5.51 6.85 6.74
CA THR B 82 4.41 7.36 5.92
C THR B 82 4.77 8.77 5.44
N VAL B 83 4.21 9.17 4.31
CA VAL B 83 4.52 10.46 3.72
C VAL B 83 3.24 11.12 3.19
N THR B 84 2.97 12.33 3.64
CA THR B 84 1.91 13.13 3.03
C THR B 84 2.58 14.23 2.22
N ILE B 85 2.03 14.54 1.05
CA ILE B 85 2.54 15.66 0.25
C ILE B 85 1.38 16.60 0.02
N ASP B 86 1.49 17.80 0.58
CA ASP B 86 0.40 18.78 0.54
C ASP B 86 0.77 20.04 -0.23
N ASP B 87 -0.11 20.42 -1.16
CA ASP B 87 -0.04 21.70 -1.85
C ASP B 87 1.35 21.97 -2.43
N CYS B 88 1.84 21.01 -3.21
CA CYS B 88 3.12 21.16 -3.87
C CYS B 88 2.89 21.40 -5.35
N THR B 89 3.71 22.27 -5.92
CA THR B 89 3.58 22.65 -7.33
C THR B 89 4.87 22.42 -8.07
N ASN B 90 4.75 21.73 -9.21
CA ASN B 90 5.87 21.51 -10.11
C ASN B 90 7.14 21.04 -9.40
N CYS B 91 7.01 19.93 -8.67
CA CYS B 91 8.12 19.34 -7.93
C CYS B 91 8.61 17.99 -8.53
N ILE B 92 9.84 17.62 -8.18
CA ILE B 92 10.42 16.31 -8.48
C ILE B 92 10.71 15.60 -7.16
N ILE B 93 10.06 14.45 -6.98
CA ILE B 93 10.08 13.76 -5.70
C ILE B 93 10.52 12.30 -5.82
N PHE B 94 11.50 11.92 -5.01
CA PHE B 94 11.80 10.52 -4.83
C PHE B 94 11.60 10.15 -3.38
N LEU B 95 10.77 9.13 -3.16
CA LEU B 95 10.57 8.61 -1.82
C LEU B 95 11.08 7.16 -1.72
N GLY B 96 12.09 6.97 -0.88
CA GLY B 96 12.52 5.64 -0.50
C GLY B 96 11.35 4.89 0.10
N PRO B 97 11.51 3.58 0.31
CA PRO B 97 10.40 2.75 0.76
C PRO B 97 9.60 3.35 1.93
N VAL B 98 8.29 3.23 1.84
CA VAL B 98 7.35 3.74 2.84
C VAL B 98 6.55 2.58 3.45
N LYS B 99 6.69 2.38 4.76
CA LYS B 99 6.07 1.26 5.45
C LYS B 99 4.54 1.34 5.37
N GLY B 100 4.04 2.57 5.50
CA GLY B 100 2.63 2.86 5.36
C GLY B 100 2.30 3.50 4.03
N SER B 101 1.50 4.57 4.09
CA SER B 101 0.86 5.12 2.91
C SER B 101 1.55 6.38 2.42
N VAL B 102 1.45 6.64 1.13
CA VAL B 102 1.87 7.90 0.53
C VAL B 102 0.64 8.65 0.07
N PHE B 103 0.48 9.87 0.57
CA PHE B 103 -0.74 10.64 0.28
C PHE B 103 -0.43 11.96 -0.42
N PHE B 104 -0.87 12.06 -1.66
CA PHE B 104 -0.77 13.32 -2.40
C PHE B 104 -2.09 14.10 -2.32
N ARG B 105 -2.01 15.33 -1.82
CA ARG B 105 -3.23 16.15 -1.71
C ARG B 105 -3.04 17.55 -2.28
N ASN B 106 -3.86 17.92 -3.25
CA ASN B 106 -3.78 19.27 -3.82
C ASN B 106 -2.39 19.50 -4.41
N CYS B 107 -1.98 18.65 -5.34
CA CYS B 107 -0.67 18.76 -5.95
C CYS B 107 -0.82 18.86 -7.46
N ARG B 108 0.12 19.57 -8.08
CA ARG B 108 0.04 19.80 -9.51
C ARG B 108 1.43 19.71 -10.13
N ASP B 109 1.51 19.05 -11.28
CA ASP B 109 2.77 18.90 -12.07
C ASP B 109 3.94 18.37 -11.26
N CYS B 110 3.72 17.27 -10.56
CA CYS B 110 4.80 16.60 -9.85
C CYS B 110 5.21 15.30 -10.55
N LYS B 111 6.52 15.06 -10.55
CA LYS B 111 7.11 13.84 -11.06
C LYS B 111 7.68 13.08 -9.87
N CYS B 112 7.35 11.79 -9.73
CA CYS B 112 7.77 11.02 -8.55
C CYS B 112 8.16 9.59 -8.84
N THR B 113 9.11 9.11 -8.05
CA THR B 113 9.39 7.69 -7.98
C THR B 113 9.32 7.36 -6.52
N LEU B 114 8.51 6.35 -6.20
CA LEU B 114 8.27 5.99 -4.81
C LEU B 114 7.82 4.55 -4.66
N ALA B 115 8.11 3.98 -3.51
CA ALA B 115 7.56 2.69 -3.16
C ALA B 115 6.84 2.86 -1.84
N CYS B 116 5.72 2.16 -1.69
CA CYS B 116 4.86 2.33 -0.53
C CYS B 116 3.86 1.20 -0.37
N GLN B 117 3.31 1.11 0.83
CA GLN B 117 2.32 0.09 1.15
C GLN B 117 0.95 0.46 0.57
N GLN B 118 0.56 1.73 0.72
CA GLN B 118 -0.65 2.28 0.08
C GLN B 118 -0.31 3.53 -0.70
N PHE B 119 -1.04 3.74 -1.80
CA PHE B 119 -0.90 4.97 -2.58
C PHE B 119 -2.26 5.64 -2.73
N ARG B 120 -2.35 6.91 -2.30
CA ARG B 120 -3.60 7.68 -2.30
C ARG B 120 -3.39 9.07 -2.91
N VAL B 121 -4.34 9.48 -3.73
CA VAL B 121 -4.29 10.76 -4.41
C VAL B 121 -5.65 11.45 -4.33
N ARG B 122 -5.66 12.72 -3.94
CA ARG B 122 -6.88 13.53 -3.89
C ARG B 122 -6.62 14.97 -4.34
N ASP B 123 -7.60 15.55 -5.06
CA ASP B 123 -7.53 16.93 -5.56
C ASP B 123 -6.16 17.26 -6.23
N CYS B 124 -5.71 16.37 -7.11
CA CYS B 124 -4.45 16.55 -7.82
C CYS B 124 -4.64 16.60 -9.34
N ARG B 125 -3.79 17.37 -10.01
CA ARG B 125 -3.70 17.37 -11.47
C ARG B 125 -2.30 17.07 -11.95
N LYS B 126 -2.22 16.44 -13.13
CA LYS B 126 -0.96 16.22 -13.87
C LYS B 126 0.19 15.70 -12.99
N LEU B 127 -0.04 14.56 -12.35
CA LEU B 127 0.99 13.85 -11.61
C LEU B 127 1.57 12.75 -12.48
N GLU B 128 2.90 12.64 -12.46
CA GLU B 128 3.57 11.53 -13.13
C GLU B 128 4.33 10.71 -12.12
N VAL B 129 3.93 9.44 -12.01
CA VAL B 129 4.41 8.59 -10.94
C VAL B 129 5.05 7.29 -11.45
N PHE B 130 6.27 7.03 -10.99
CA PHE B 130 6.94 5.72 -11.10
C PHE B 130 6.79 4.97 -9.77
N LEU B 131 5.88 3.99 -9.75
CA LEU B 131 5.35 3.47 -8.50
C LEU B 131 5.68 2.01 -8.20
N CYS B 132 5.99 1.78 -6.91
CA CYS B 132 5.88 0.45 -6.32
C CYS B 132 4.93 0.50 -5.12
N CYS B 133 3.91 -0.34 -5.18
CA CYS B 133 2.79 -0.28 -4.24
C CYS B 133 2.33 -1.73 -3.90
N ALA B 134 2.30 -2.03 -2.62
CA ALA B 134 1.75 -3.23 -2.11
C ALA B 134 0.31 -3.48 -2.47
N THR B 135 -0.49 -2.44 -2.49
CA THR B 135 -1.89 -2.55 -2.70
C THR B 135 -2.37 -1.82 -3.93
N GLN B 136 -3.67 -1.69 -4.09
CA GLN B 136 -4.24 -0.93 -5.18
C GLN B 136 -4.04 0.57 -5.08
N PRO B 137 -3.39 1.17 -6.07
CA PRO B 137 -3.31 2.63 -6.09
C PRO B 137 -4.69 3.23 -6.29
N ILE B 138 -4.91 4.36 -5.64
CA ILE B 138 -6.23 4.96 -5.50
C ILE B 138 -6.15 6.43 -5.88
N ILE B 139 -7.03 6.87 -6.78
CA ILE B 139 -7.22 8.31 -7.02
C ILE B 139 -8.65 8.77 -6.76
N GLU B 140 -8.75 10.01 -6.29
CA GLU B 140 -10.03 10.66 -6.01
C GLU B 140 -9.95 12.13 -6.44
N SER B 141 -11.02 12.62 -7.08
CA SER B 141 -11.12 14.05 -7.49
C SER B 141 -9.87 14.56 -8.22
N SER B 142 -9.38 13.76 -9.17
CA SER B 142 -8.11 14.04 -9.78
C SER B 142 -8.18 13.79 -11.27
N SER B 143 -7.25 14.40 -12.00
CA SER B 143 -7.23 14.24 -13.46
C SER B 143 -5.81 14.25 -13.95
N ASN B 144 -5.60 13.63 -15.10
CA ASN B 144 -4.25 13.46 -15.63
C ASN B 144 -3.31 12.93 -14.55
N ILE B 145 -3.57 11.71 -14.07
CA ILE B 145 -2.57 11.06 -13.24
C ILE B 145 -1.97 9.93 -14.06
N LYS B 146 -0.65 9.94 -14.20
CA LYS B 146 0.02 8.94 -15.03
C LYS B 146 0.97 8.08 -14.21
N PHE B 147 0.93 6.77 -14.50
CA PHE B 147 1.62 5.74 -13.73
C PHE B 147 2.60 4.90 -14.57
N GLY B 148 3.71 4.55 -13.95
CA GLY B 148 4.73 3.69 -14.54
C GLY B 148 5.32 2.88 -13.40
N CYS B 149 6.04 1.82 -13.76
CA CYS B 149 6.63 0.95 -12.77
C CYS B 149 7.87 1.58 -12.19
N PHE B 150 7.96 1.57 -10.85
CA PHE B 150 9.14 2.00 -10.12
C PHE B 150 10.38 1.44 -10.78
N GLN B 151 11.35 2.31 -11.07
CA GLN B 151 12.61 1.95 -11.72
C GLN B 151 13.73 2.79 -11.09
N TRP B 152 14.39 2.23 -10.08
CA TRP B 152 15.42 2.97 -9.35
C TRP B 152 16.32 2.00 -8.62
N TYR B 153 17.56 2.43 -8.42
CA TYR B 153 18.55 1.65 -7.67
C TYR B 153 19.53 2.53 -6.91
N TYR B 154 19.86 2.11 -5.69
CA TYR B 154 21.09 2.51 -5.01
C TYR B 154 21.49 1.40 -4.01
N PRO B 155 22.77 1.37 -3.58
CA PRO B 155 23.26 0.26 -2.74
C PRO B 155 22.49 0.04 -1.43
N GLU B 156 21.99 1.12 -0.83
CA GLU B 156 21.31 1.02 0.46
C GLU B 156 19.83 0.64 0.34
N LEU B 157 19.30 0.70 -0.89
CA LEU B 157 17.87 0.65 -1.13
C LEU B 157 17.23 -0.69 -0.77
N ALA B 158 17.87 -1.79 -1.16
CA ALA B 158 17.35 -3.13 -0.89
C ALA B 158 17.05 -3.33 0.60
N PHE B 159 17.99 -2.93 1.44
CA PHE B 159 17.84 -3.00 2.90
C PHE B 159 16.71 -2.09 3.40
N GLN B 160 16.48 -0.98 2.70
CA GLN B 160 15.43 -0.04 3.08
C GLN B 160 14.03 -0.65 2.88
N PHE B 161 13.85 -1.29 1.72
CA PHE B 161 12.66 -2.06 1.43
C PHE B 161 12.39 -3.06 2.54
N LYS B 162 13.46 -3.71 3.00
CA LYS B 162 13.35 -4.69 4.05
C LYS B 162 12.94 -3.98 5.34
N ASP B 163 13.54 -2.83 5.63
CA ASP B 163 13.22 -2.11 6.86
C ASP B 163 11.81 -1.50 6.82
N ALA B 164 11.31 -1.27 5.60
CA ALA B 164 9.95 -0.77 5.38
C ALA B 164 8.95 -1.90 5.39
N GLY B 165 9.46 -3.14 5.42
CA GLY B 165 8.60 -4.32 5.32
C GLY B 165 7.90 -4.46 3.98
N LEU B 166 8.49 -3.91 2.91
CA LEU B 166 7.91 -3.99 1.57
C LEU B 166 8.63 -5.02 0.72
N SER B 167 7.87 -5.94 0.16
CA SER B 167 8.41 -6.94 -0.75
C SER B 167 8.54 -6.36 -2.14
N ILE B 168 9.73 -6.49 -2.72
CA ILE B 168 9.95 -6.03 -4.08
C ILE B 168 9.10 -6.77 -5.12
N PHE B 169 8.57 -7.95 -4.75
CA PHE B 169 7.79 -8.74 -5.69
C PHE B 169 6.27 -8.49 -5.62
N ASN B 170 5.81 -7.79 -4.59
CA ASN B 170 4.40 -7.46 -4.48
C ASN B 170 4.18 -6.03 -4.92
N ASN B 171 4.02 -5.84 -6.23
CA ASN B 171 3.85 -4.52 -6.82
C ASN B 171 2.70 -4.50 -7.78
N THR B 172 1.61 -3.87 -7.36
CA THR B 172 0.50 -3.63 -8.26
C THR B 172 0.47 -2.12 -8.49
N TRP B 173 1.13 -1.69 -9.55
CA TRP B 173 1.32 -0.29 -9.87
C TRP B 173 0.40 0.25 -10.96
N SER B 174 -0.21 -0.64 -11.71
CA SER B 174 -1.00 -0.30 -12.86
C SER B 174 -2.48 -0.45 -12.61
N ASN B 175 -2.80 -0.67 -11.38
CA ASN B 175 -4.03 -1.29 -10.96
C ASN B 175 -5.04 -0.31 -10.41
N ILE B 176 -5.11 0.88 -10.96
CA ILE B 176 -5.72 2.03 -10.34
C ILE B 176 -7.21 1.91 -10.14
N HIS B 177 -7.69 2.29 -9.00
CA HIS B 177 -9.12 2.52 -8.88
C HIS B 177 -9.38 4.00 -8.73
N ASP B 178 -10.37 4.49 -9.47
CA ASP B 178 -10.73 5.89 -9.47
C ASP B 178 -12.08 5.97 -8.81
N PHE B 179 -12.13 6.66 -7.68
CA PHE B 179 -13.37 6.80 -6.97
C PHE B 179 -14.33 7.80 -7.61
N THR B 180 -13.79 8.69 -8.44
CA THR B 180 -14.63 9.68 -9.12
C THR B 180 -14.51 9.59 -10.65
N PRO B 181 -14.90 8.45 -11.23
CA PRO B 181 -14.73 8.37 -12.69
C PRO B 181 -15.63 9.42 -13.36
N VAL B 182 -15.34 9.74 -14.61
CA VAL B 182 -16.10 10.72 -15.38
C VAL B 182 -16.35 10.15 -16.77
N SER B 183 -17.61 9.84 -17.04
CA SER B 183 -18.01 9.19 -18.29
C SER B 183 -17.42 9.84 -19.53
N GLY B 184 -16.94 9.00 -20.44
CA GLY B 184 -16.38 9.47 -21.72
C GLY B 184 -14.90 9.81 -21.68
N GLU B 185 -14.34 9.88 -20.49
CA GLU B 185 -12.89 10.03 -20.36
C GLU B 185 -12.34 9.23 -19.18
N LEU B 186 -11.09 9.51 -18.88
CA LEU B 186 -10.30 8.67 -18.04
C LEU B 186 -9.42 9.63 -17.30
N ASN B 187 -9.48 9.59 -15.96
CA ASN B 187 -8.71 10.48 -15.12
C ASN B 187 -7.27 10.03 -14.88
N TRP B 188 -6.87 8.92 -15.51
CA TRP B 188 -5.55 8.34 -15.29
C TRP B 188 -5.17 7.48 -16.48
N SER B 189 -3.87 7.30 -16.66
CA SER B 189 -3.38 6.46 -17.73
C SER B 189 -2.05 5.89 -17.32
N LEU B 190 -1.42 5.17 -18.25
CA LEU B 190 -0.07 4.66 -18.04
C LEU B 190 0.94 5.49 -18.82
N LEU B 191 2.11 5.70 -18.23
CA LEU B 191 3.23 6.34 -18.91
C LEU B 191 3.68 5.42 -20.03
N PRO B 192 4.21 5.98 -21.15
CA PRO B 192 4.64 5.07 -22.23
C PRO B 192 5.81 4.20 -21.78
N GLU B 193 5.92 3.01 -22.34
CA GLU B 193 6.99 2.11 -21.91
C GLU B 193 8.37 2.68 -22.20
N ASP B 194 8.48 3.37 -23.33
CA ASP B 194 9.72 4.01 -23.72
C ASP B 194 10.07 5.25 -22.86
N ALA B 195 9.27 5.56 -21.85
CA ALA B 195 9.58 6.66 -20.95
C ALA B 195 10.92 6.43 -20.27
N VAL B 196 11.82 7.40 -20.35
CA VAL B 196 13.10 7.28 -19.66
C VAL B 196 13.05 8.04 -18.34
N VAL B 197 13.40 7.36 -17.25
CA VAL B 197 13.27 7.89 -15.89
C VAL B 197 14.00 9.21 -15.63
N GLN B 198 15.16 9.38 -16.27
CA GLN B 198 15.93 10.64 -16.18
C GLN B 198 15.12 11.85 -16.57
N ASP B 199 14.25 11.69 -17.57
CA ASP B 199 13.40 12.78 -18.04
C ASP B 199 12.38 13.27 -17.02
N TYR B 200 11.91 12.40 -16.11
CA TYR B 200 10.90 12.79 -15.12
C TYR B 200 11.52 12.98 -13.74
N VAL B 201 12.35 12.03 -13.33
CA VAL B 201 13.07 12.16 -12.06
C VAL B 201 14.59 12.09 -12.33
N PRO B 202 15.19 13.23 -12.77
CA PRO B 202 16.64 13.28 -12.89
C PRO B 202 17.37 12.80 -11.62
N ILE B 203 18.56 12.24 -11.83
CA ILE B 203 19.49 11.95 -10.73
C ILE B 203 19.99 13.26 -10.11
N PRO B 204 20.20 13.29 -8.77
CA PRO B 204 20.69 14.51 -8.13
C PRO B 204 22.16 14.81 -8.43
N THR B 205 22.46 16.10 -8.67
CA THR B 205 23.80 16.57 -9.01
C THR B 205 24.40 17.52 -7.96
N THR B 206 23.74 17.65 -6.82
CA THR B 206 24.24 18.45 -5.73
C THR B 206 25.17 17.68 -4.89
N GLU B 207 26.11 18.33 -4.25
CA GLU B 207 26.93 17.68 -3.26
C GLU B 207 26.42 16.73 -2.20
N GLU B 208 25.66 17.25 -1.27
CA GLU B 208 24.87 16.42 -0.45
C GLU B 208 24.48 15.16 -1.21
N LEU B 209 23.91 15.27 -2.38
CA LEU B 209 23.01 14.23 -2.83
C LEU B 209 23.56 13.18 -3.80
N LYS B 210 24.70 13.43 -4.39
CA LYS B 210 25.28 12.39 -5.27
C LYS B 210 26.25 11.42 -4.56
N ALA B 211 26.56 11.71 -3.28
CA ALA B 211 27.11 10.72 -2.35
C ALA B 211 26.32 9.40 -2.36
N VAL B 212 25.05 9.48 -2.75
CA VAL B 212 24.18 8.31 -2.90
C VAL B 212 24.19 7.85 -4.36
N ARG B 213 24.65 6.62 -4.56
CA ARG B 213 25.02 6.13 -5.89
C ARG B 213 23.85 5.52 -6.62
N VAL B 214 23.26 6.32 -7.50
CA VAL B 214 21.98 5.98 -8.08
C VAL B 214 22.11 5.56 -9.53
N SER B 215 21.19 4.70 -9.95
CA SER B 215 21.08 4.28 -11.34
C SER B 215 19.61 4.12 -11.63
N THR B 216 19.20 4.55 -12.82
CA THR B 216 17.80 4.45 -13.22
C THR B 216 17.61 3.45 -14.36
N GLU B 217 18.63 2.63 -14.57
CA GLU B 217 18.60 1.57 -15.59
C GLU B 217 17.66 0.46 -15.14
N ALA B 218 16.81 0.00 -16.08
CA ALA B 218 15.96 -1.16 -15.87
C ALA B 218 16.70 -2.36 -15.25
N ASN B 219 17.88 -2.69 -15.78
CA ASN B 219 18.60 -3.88 -15.34
C ASN B 219 19.23 -3.81 -13.94
N ARG B 220 19.25 -2.63 -13.34
CA ARG B 220 19.80 -2.52 -11.97
C ARG B 220 18.73 -2.18 -10.94
N SER B 221 17.50 -1.95 -11.40
CA SER B 221 16.38 -1.61 -10.52
C SER B 221 16.09 -2.69 -9.47
N ILE B 222 15.94 -2.24 -8.23
CA ILE B 222 15.59 -3.13 -7.11
C ILE B 222 14.22 -3.78 -7.34
N VAL B 223 13.25 -3.00 -7.80
CA VAL B 223 11.96 -3.56 -8.16
C VAL B 223 12.07 -4.03 -9.60
N PRO B 224 11.79 -5.32 -9.86
CA PRO B 224 11.85 -5.78 -11.25
C PRO B 224 10.73 -5.10 -12.04
N ILE B 225 11.00 -4.72 -13.30
CA ILE B 225 10.04 -3.98 -14.11
C ILE B 225 8.90 -4.89 -14.61
N SER B 226 7.67 -4.57 -14.22
CA SER B 226 6.51 -5.38 -14.60
C SER B 226 5.53 -4.60 -15.48
N ARG B 227 4.92 -5.24 -16.43
CA ARG B 227 3.98 -4.57 -17.28
C ARG B 227 2.60 -4.42 -16.69
N GLY B 228 2.27 -5.24 -15.73
CA GLY B 228 1.03 -5.11 -15.04
C GLY B 228 -0.16 -5.30 -15.94
N GLN B 229 -0.79 -4.22 -16.29
CA GLN B 229 -1.93 -4.24 -17.17
C GLN B 229 -1.72 -3.53 -18.46
N ARG B 230 -0.49 -3.23 -18.79
CA ARG B 230 -0.24 -2.87 -20.13
C ARG B 230 -0.88 -3.87 -21.01
N GLN B 231 -1.51 -3.35 -22.03
CA GLN B 231 -2.01 -4.09 -23.19
C GLN B 231 -0.99 -5.12 -23.67
N LYS B 232 -1.46 -6.33 -23.98
CA LYS B 232 -0.58 -7.34 -24.57
C LYS B 232 -1.00 -7.78 -25.96
N SER B 233 0.01 -8.05 -26.79
CA SER B 233 -0.17 -8.60 -28.12
C SER B 233 -0.44 -10.10 -28.07
N SER B 234 0.33 -10.82 -27.24
CA SER B 234 0.19 -12.27 -27.05
C SER B 234 -0.81 -12.63 -25.95
N ASP B 235 -1.50 -13.74 -26.09
CA ASP B 235 -2.34 -14.24 -25.00
C ASP B 235 -1.77 -15.55 -24.40
N GLU B 236 -0.45 -15.68 -24.50
CA GLU B 236 0.28 -16.76 -23.86
C GLU B 236 1.01 -16.26 -22.62
N SER B 237 0.69 -16.87 -21.48
CA SER B 237 1.40 -16.60 -20.25
C SER B 237 2.18 -17.82 -19.76
N CYS B 238 3.07 -17.61 -18.80
CA CYS B 238 3.81 -18.69 -18.18
C CYS B 238 4.01 -18.39 -16.72
N LEU B 239 3.75 -19.38 -15.87
CA LEU B 239 3.98 -19.23 -14.44
C LEU B 239 5.26 -19.94 -14.01
N VAL B 240 6.06 -19.24 -13.21
CA VAL B 240 7.18 -19.85 -12.57
C VAL B 240 7.01 -19.59 -11.08
N VAL B 241 7.23 -20.64 -10.30
CA VAL B 241 7.27 -20.48 -8.87
C VAL B 241 8.62 -20.94 -8.39
N LEU B 242 9.32 -20.07 -7.67
CA LEU B 242 10.58 -20.44 -7.00
C LEU B 242 10.33 -20.46 -5.50
N PHE B 243 11.09 -21.30 -4.81
CA PHE B 243 10.83 -21.54 -3.40
C PHE B 243 11.94 -20.92 -2.60
N ALA B 244 11.64 -20.61 -1.33
CA ALA B 244 12.53 -19.85 -0.46
C ALA B 244 13.93 -20.47 -0.35
N GLY B 245 14.93 -19.62 -0.17
CA GLY B 245 16.33 -20.04 -0.20
C GLY B 245 17.27 -18.86 -0.43
N ASP B 246 18.55 -19.06 -0.14
CA ASP B 246 19.54 -17.96 -0.19
C ASP B 246 19.76 -17.43 -1.60
N TYR B 247 19.68 -18.29 -2.60
CA TYR B 247 19.90 -17.83 -3.97
C TYR B 247 18.63 -17.57 -4.81
N THR B 248 17.44 -17.71 -4.21
CA THR B 248 16.19 -17.55 -4.96
C THR B 248 16.00 -16.16 -5.57
N ILE B 249 16.14 -15.12 -4.74
CA ILE B 249 16.01 -13.77 -5.23
C ILE B 249 16.90 -13.60 -6.47
N ALA B 250 18.16 -13.98 -6.35
CA ALA B 250 19.10 -13.90 -7.47
C ALA B 250 18.60 -14.68 -8.69
N ASN B 251 18.00 -15.86 -8.44
CA ASN B 251 17.45 -16.69 -9.49
C ASN B 251 16.28 -16.04 -10.23
N ALA B 252 15.37 -15.43 -9.48
CA ALA B 252 14.26 -14.71 -10.06
C ALA B 252 14.78 -13.70 -11.07
N ARG B 253 15.78 -12.91 -10.66
CA ARG B 253 16.35 -11.86 -11.52
C ARG B 253 17.02 -12.41 -12.78
N LYS B 254 17.82 -13.47 -12.58
CA LYS B 254 18.55 -14.08 -13.69
C LYS B 254 17.56 -14.60 -14.70
N LEU B 255 16.48 -15.20 -14.20
CA LEU B 255 15.42 -15.75 -15.05
C LEU B 255 14.73 -14.62 -15.78
N ILE B 256 14.30 -13.61 -15.03
CA ILE B 256 13.67 -12.43 -15.61
C ILE B 256 14.52 -11.94 -16.77
N ASP B 257 15.83 -11.76 -16.52
CA ASP B 257 16.77 -11.31 -17.55
C ASP B 257 16.89 -12.21 -18.77
N GLU B 258 16.80 -13.52 -18.56
CA GLU B 258 16.89 -14.47 -19.66
C GLU B 258 15.66 -14.41 -20.52
N MET B 259 14.48 -14.28 -19.89
CA MET B 259 13.22 -14.17 -20.60
C MET B 259 13.10 -12.87 -21.38
N VAL B 260 13.56 -11.76 -20.77
CA VAL B 260 13.54 -10.46 -21.45
C VAL B 260 14.54 -10.42 -22.59
N GLY B 261 15.72 -11.04 -22.39
CA GLY B 261 16.70 -11.23 -23.45
C GLY B 261 16.14 -11.98 -24.67
N LYS B 262 15.20 -12.90 -24.46
CA LYS B 262 14.65 -13.65 -25.59
C LYS B 262 13.38 -13.03 -26.17
N GLY B 263 12.99 -11.88 -25.64
CA GLY B 263 11.90 -11.11 -26.22
C GLY B 263 10.56 -11.29 -25.53
N PHE B 264 10.56 -11.78 -24.29
CA PHE B 264 9.32 -11.98 -23.57
C PHE B 264 9.17 -10.90 -22.51
N PHE B 265 7.99 -10.84 -21.90
CA PHE B 265 7.69 -9.76 -20.97
C PHE B 265 7.32 -10.31 -19.63
N LEU B 266 7.67 -9.55 -18.60
CA LEU B 266 7.29 -9.88 -17.25
C LEU B 266 6.02 -9.12 -16.92
N VAL B 267 4.94 -9.87 -16.67
CA VAL B 267 3.67 -9.26 -16.33
C VAL B 267 3.63 -8.88 -14.86
N GLN B 268 3.84 -9.87 -13.99
CA GLN B 268 3.63 -9.70 -12.56
C GLN B 268 4.52 -10.60 -11.76
N THR B 269 4.74 -10.19 -10.51
CA THR B 269 5.42 -11.01 -9.55
C THR B 269 4.52 -11.13 -8.32
N LYS B 270 4.70 -12.21 -7.56
CA LYS B 270 4.00 -12.38 -6.28
C LYS B 270 4.92 -13.01 -5.25
N GLU B 271 4.85 -12.54 -4.02
CA GLU B 271 5.53 -13.19 -2.90
C GLU B 271 4.60 -13.51 -1.70
N VAL B 272 4.33 -14.80 -1.49
CA VAL B 272 3.32 -15.29 -0.55
C VAL B 272 3.69 -16.65 -0.01
N SER B 273 3.16 -16.95 1.17
CA SER B 273 3.28 -18.27 1.77
C SER B 273 2.41 -19.25 1.01
N MET B 274 3.00 -20.37 0.62
CA MET B 274 2.24 -21.47 0.08
C MET B 274 2.07 -22.55 1.13
N LYS B 275 0.82 -22.85 1.48
CA LYS B 275 0.51 -24.03 2.31
C LYS B 275 0.31 -25.23 1.39
N ALA B 276 0.29 -26.42 1.98
CA ALA B 276 0.13 -27.66 1.23
C ALA B 276 -1.12 -27.66 0.34
N GLU B 277 -2.27 -27.30 0.94
CA GLU B 277 -3.54 -27.13 0.21
C GLU B 277 -3.38 -26.25 -1.06
N ASP B 278 -2.71 -25.12 -0.90
CA ASP B 278 -2.51 -24.14 -1.97
C ASP B 278 -1.60 -24.67 -3.09
N ALA B 279 -0.58 -25.45 -2.71
CA ALA B 279 0.32 -26.08 -3.67
C ALA B 279 -0.41 -27.11 -4.49
N GLN B 280 -1.47 -27.69 -3.91
CA GLN B 280 -2.28 -28.68 -4.62
C GLN B 280 -3.16 -27.99 -5.66
N ARG B 281 -3.80 -26.88 -5.30
CA ARG B 281 -4.63 -26.12 -6.23
C ARG B 281 -3.85 -25.74 -7.46
N VAL B 282 -2.72 -25.06 -7.26
CA VAL B 282 -1.90 -24.53 -8.35
C VAL B 282 -1.13 -25.62 -9.10
N PHE B 283 -0.34 -26.40 -8.40
CA PHE B 283 0.60 -27.31 -9.04
C PHE B 283 -0.03 -28.61 -9.41
N ARG B 284 -1.16 -28.90 -8.83
CA ARG B 284 -1.92 -30.08 -9.16
C ARG B 284 -1.07 -31.29 -8.94
N GLU B 285 -1.07 -32.20 -9.89
CA GLU B 285 -0.42 -33.48 -9.67
C GLU B 285 1.09 -33.35 -9.84
N LYS B 286 1.60 -32.14 -9.63
CA LYS B 286 3.03 -31.89 -9.55
C LYS B 286 3.37 -31.37 -8.17
N ALA B 287 2.35 -31.19 -7.34
CA ALA B 287 2.50 -30.71 -5.97
C ALA B 287 3.45 -31.56 -5.12
N PRO B 288 3.25 -32.90 -5.08
CA PRO B 288 4.18 -33.79 -4.35
C PRO B 288 5.65 -33.36 -4.42
N ASP B 289 6.16 -33.15 -5.63
CA ASP B 289 7.54 -32.71 -5.87
C ASP B 289 7.96 -31.43 -5.10
N PHE B 290 7.00 -30.54 -4.79
CA PHE B 290 7.31 -29.25 -4.19
C PHE B 290 6.97 -29.08 -2.73
N LEU B 291 6.11 -29.96 -2.23
CA LEU B 291 5.70 -29.98 -0.82
C LEU B 291 6.84 -29.81 0.20
N PRO B 292 7.96 -30.55 0.04
CA PRO B 292 9.08 -30.39 0.98
C PRO B 292 9.55 -28.93 1.18
N LEU B 293 9.39 -28.11 0.15
CA LEU B 293 10.01 -26.80 0.06
C LEU B 293 9.19 -25.68 0.64
N LEU B 294 7.90 -25.92 0.85
CA LEU B 294 6.95 -24.85 1.15
C LEU B 294 7.15 -24.19 2.51
N ASN B 295 7.91 -24.84 3.38
CA ASN B 295 7.98 -24.35 4.75
C ASN B 295 9.19 -23.47 5.10
N LYS B 296 10.13 -23.30 4.16
CA LYS B 296 11.34 -22.46 4.35
C LYS B 296 11.01 -20.97 4.32
N GLY B 297 9.81 -20.64 3.81
CA GLY B 297 9.36 -19.25 3.69
C GLY B 297 8.58 -18.97 2.41
N PRO B 298 8.27 -17.70 2.14
CA PRO B 298 7.41 -17.32 1.02
C PRO B 298 7.97 -17.80 -0.33
N VAL B 299 7.09 -18.12 -1.28
CA VAL B 299 7.52 -18.48 -2.63
C VAL B 299 7.56 -17.22 -3.47
N ILE B 300 8.25 -17.28 -4.61
CA ILE B 300 8.25 -16.16 -5.55
C ILE B 300 7.67 -16.60 -6.87
N ALA B 301 6.58 -15.94 -7.25
CA ALA B 301 5.87 -16.24 -8.47
C ALA B 301 6.20 -15.21 -9.54
N LEU B 302 6.39 -15.69 -10.76
CA LEU B 302 6.63 -14.82 -11.92
C LEU B 302 5.69 -15.18 -13.06
N GLU B 303 5.05 -14.16 -13.62
CA GLU B 303 4.17 -14.32 -14.76
C GLU B 303 4.89 -13.83 -15.99
N PHE B 304 5.11 -14.72 -16.96
CA PHE B 304 5.76 -14.29 -18.20
C PHE B 304 4.74 -14.27 -19.35
N ASN B 305 5.03 -13.49 -20.39
CA ASN B 305 4.08 -13.27 -21.48
C ASN B 305 4.78 -13.24 -22.82
N GLY B 306 4.14 -13.83 -23.82
CA GLY B 306 4.69 -13.81 -25.17
C GLY B 306 4.50 -15.12 -25.88
N ASP B 307 4.47 -15.08 -27.21
CA ASP B 307 4.32 -16.28 -28.03
C ASP B 307 5.60 -17.14 -27.94
N GLY B 308 5.43 -18.38 -27.47
CA GLY B 308 6.53 -19.27 -27.14
C GLY B 308 7.04 -19.21 -25.70
N ALA B 309 6.36 -18.46 -24.83
CA ALA B 309 6.88 -18.18 -23.49
C ALA B 309 7.16 -19.44 -22.65
N VAL B 310 6.20 -20.35 -22.66
CA VAL B 310 6.31 -21.57 -21.87
C VAL B 310 7.49 -22.40 -22.36
N GLU B 311 7.48 -22.79 -23.62
CA GLU B 311 8.58 -23.54 -24.22
C GLU B 311 9.97 -22.94 -23.88
N VAL B 312 10.14 -21.66 -24.19
CA VAL B 312 11.40 -20.95 -23.94
C VAL B 312 11.72 -20.92 -22.45
N CYS B 313 10.71 -20.68 -21.63
CA CYS B 313 10.92 -20.73 -20.18
C CYS B 313 11.44 -22.10 -19.71
N GLN B 314 10.82 -23.17 -20.22
CA GLN B 314 11.25 -24.53 -19.93
C GLN B 314 12.70 -24.75 -20.31
N LEU B 315 13.07 -24.33 -21.52
CA LEU B 315 14.44 -24.50 -22.00
C LEU B 315 15.47 -23.84 -21.09
N ILE B 316 15.19 -22.61 -20.65
CA ILE B 316 16.09 -21.82 -19.80
C ILE B 316 16.25 -22.47 -18.42
N VAL B 317 15.13 -22.77 -17.78
CA VAL B 317 15.14 -23.43 -16.49
C VAL B 317 15.96 -24.71 -16.54
N ASN B 318 15.75 -25.47 -17.62
CA ASN B 318 16.44 -26.74 -17.82
C ASN B 318 17.95 -26.58 -17.95
N GLU B 319 18.40 -25.49 -18.57
CA GLU B 319 19.83 -25.24 -18.80
C GLU B 319 20.51 -24.56 -17.62
N ILE B 320 19.80 -23.65 -16.98
CA ILE B 320 20.39 -22.67 -16.10
C ILE B 320 20.07 -22.91 -14.62
N PHE B 321 19.17 -23.86 -14.33
CA PHE B 321 18.84 -24.17 -12.94
C PHE B 321 18.80 -25.66 -12.62
N ASN B 322 19.65 -26.45 -13.27
CA ASN B 322 19.80 -27.85 -12.93
C ASN B 322 19.99 -27.95 -11.44
N GLY B 323 19.25 -28.86 -10.81
CA GLY B 323 19.41 -29.11 -9.39
C GLY B 323 18.60 -28.17 -8.53
N THR B 324 18.00 -27.16 -9.17
CA THR B 324 17.08 -26.26 -8.49
C THR B 324 15.65 -26.51 -8.96
N LYS B 325 14.81 -26.89 -8.01
CA LYS B 325 13.41 -27.22 -8.25
C LYS B 325 12.56 -25.95 -8.35
N MET B 326 11.89 -25.79 -9.49
CA MET B 326 10.95 -24.71 -9.69
C MET B 326 9.73 -25.27 -10.40
N PHE B 327 8.58 -24.61 -10.23
CA PHE B 327 7.45 -24.93 -11.06
C PHE B 327 7.43 -24.06 -12.32
N VAL B 328 7.36 -24.70 -13.48
CA VAL B 328 7.16 -24.01 -14.75
C VAL B 328 5.94 -24.62 -15.40
N SER B 329 5.07 -23.77 -15.95
CA SER B 329 3.91 -24.28 -16.68
C SER B 329 4.31 -25.30 -17.76
N GLU B 330 3.51 -26.37 -17.88
CA GLU B 330 3.75 -27.43 -18.86
C GLU B 330 3.53 -26.99 -20.30
N SER B 331 2.50 -26.18 -20.53
CA SER B 331 2.19 -25.71 -21.89
C SER B 331 1.44 -24.37 -21.92
N LYS B 332 1.30 -23.84 -23.12
CA LYS B 332 0.42 -22.71 -23.44
C LYS B 332 -1.03 -23.02 -22.93
N GLU B 333 -1.43 -24.28 -23.10
CA GLU B 333 -2.78 -24.74 -22.81
C GLU B 333 -3.14 -24.73 -21.32
N THR B 334 -2.14 -24.81 -20.45
CA THR B 334 -2.41 -24.91 -19.02
C THR B 334 -1.94 -23.70 -18.22
N ALA B 335 -1.06 -22.91 -18.83
CA ALA B 335 -0.43 -21.74 -18.21
C ALA B 335 -1.42 -20.73 -17.67
N SER B 336 -2.38 -20.35 -18.50
CA SER B 336 -3.45 -19.46 -18.09
C SER B 336 -4.10 -20.01 -16.84
N GLY B 337 -4.54 -21.27 -16.87
CA GLY B 337 -5.07 -21.93 -15.66
C GLY B 337 -4.14 -21.74 -14.47
N ASP B 338 -2.85 -22.01 -14.70
CA ASP B 338 -1.83 -21.92 -13.64
C ASP B 338 -1.81 -20.55 -12.98
N VAL B 339 -1.81 -19.51 -13.82
CA VAL B 339 -1.68 -18.13 -13.34
C VAL B 339 -2.90 -17.74 -12.49
N ASP B 340 -4.10 -18.05 -13.00
CA ASP B 340 -5.34 -17.79 -12.26
C ASP B 340 -5.40 -18.43 -10.89
N SER B 341 -5.06 -19.72 -10.83
CA SER B 341 -5.12 -20.48 -9.58
C SER B 341 -4.18 -19.87 -8.56
N PHE B 342 -3.03 -19.38 -9.05
CA PHE B 342 -2.06 -18.78 -8.19
C PHE B 342 -2.55 -17.47 -7.60
N TYR B 343 -3.06 -16.59 -8.46
CA TYR B 343 -3.58 -15.31 -7.99
C TYR B 343 -4.80 -15.49 -7.10
N ASN B 344 -5.67 -16.42 -7.45
CA ASN B 344 -6.78 -16.83 -6.59
C ASN B 344 -6.38 -17.07 -5.14
N PHE B 345 -5.51 -18.04 -4.92
CA PHE B 345 -5.15 -18.42 -3.57
C PHE B 345 -4.44 -17.27 -2.90
N ALA B 346 -3.59 -16.57 -3.66
CA ALA B 346 -2.78 -15.49 -3.09
C ALA B 346 -3.62 -14.24 -2.78
N ASP B 347 -4.63 -13.98 -3.61
CA ASP B 347 -5.58 -12.88 -3.40
C ASP B 347 -6.32 -12.99 -2.08
N ILE B 348 -6.66 -14.22 -1.72
CA ILE B 348 -7.35 -14.53 -0.48
C ILE B 348 -6.42 -14.41 0.75
N GLN B 349 -5.20 -14.95 0.65
CA GLN B 349 -4.19 -14.79 1.70
C GLN B 349 -3.87 -13.32 2.01
N MET B 350 -3.84 -12.49 0.97
CA MET B 350 -3.61 -11.05 1.11
C MET B 350 -4.91 -10.24 1.25
N GLY B 351 -6.04 -10.86 0.93
CA GLY B 351 -7.36 -10.19 1.05
C GLY B 351 -7.76 -9.92 2.49
N ILE B 352 -9.05 -9.65 2.70
CA ILE B 352 -9.53 -9.28 4.02
C ILE B 352 -10.37 -10.39 4.65
#